data_6TN8
#
_entry.id   6TN8
#
_cell.length_a   59.550
_cell.length_b   86.540
_cell.length_c   139.599
_cell.angle_alpha   90.000
_cell.angle_beta   90.000
_cell.angle_gamma   90.000
#
_symmetry.space_group_name_H-M   'C 2 2 21'
#
loop_
_entity.id
_entity.type
_entity.pdbx_description
1 polymer 'Activin receptor type I'
2 non-polymer '1,4-DIETHYLENE DIOXIDE'
3 non-polymer 4-[4-[(dimethylamino)methyl]-2,5-dimethoxy-phenyl]-2-methyl-2,7-naphthyridin-1-one
4 non-polymer 'SULFATE ION'
5 non-polymer 1,2-ETHANEDIOL
6 water water
#
_entity_poly.entity_id   1
_entity_poly.type   'polypeptide(L)'
_entity_poly.pdbx_seq_one_letter_code
;SMQRTVARDITLLECVGKGRYGEVWRGSWQGENVAVKIFSSRDEKSWFRETELYNTVMLRHENILGFIASDMTSRHSSTQ
LWLITHYHEMGSLYDYLQLTTLDTVSCLRIVLSIASGLAHLHIEIFGTQGKPAIAHRDLKSKNILVKKNGQCCIADLGLA
VMHSQSTNQLDVGNNPRVGTKRYMAPEVLDETIQVDCFDSYKRVDIWAFGLVLWEVARRMVSNGIVEDYKPPFYDVVPND
PSFEDMRKVVCVDQQRPNIPNRWFSDPTLTSLAKLMKECWYQNPSARLTALRIKKTLTKID
;
_entity_poly.pdbx_strand_id   A
#
loop_
_chem_comp.id
_chem_comp.type
_chem_comp.name
_chem_comp.formula
5U6 non-polymer 4-[4-[(dimethylamino)methyl]-2,5-dimethoxy-phenyl]-2-methyl-2,7-naphthyridin-1-one 'C20 H23 N3 O3'
DIO non-polymer '1,4-DIETHYLENE DIOXIDE' 'C4 H8 O2'
EDO non-polymer 1,2-ETHANEDIOL 'C2 H6 O2'
SO4 non-polymer 'SULFATE ION' 'O4 S -2'
#
# COMPACT_ATOMS: atom_id res chain seq x y z
N VAL A 6 -20.07 -11.91 -12.36
CA VAL A 6 -20.19 -10.78 -13.28
C VAL A 6 -19.06 -10.80 -14.30
N ALA A 7 -18.14 -11.76 -14.13
CA ALA A 7 -17.02 -11.87 -15.06
C ALA A 7 -17.48 -12.18 -16.47
N ARG A 8 -18.60 -12.91 -16.62
CA ARG A 8 -19.09 -13.24 -17.95
C ARG A 8 -19.55 -12.00 -18.70
N ASP A 9 -20.02 -10.98 -17.99
CA ASP A 9 -20.46 -9.74 -18.61
C ASP A 9 -19.35 -8.69 -18.68
N ILE A 10 -18.10 -9.11 -18.57
CA ILE A 10 -16.95 -8.21 -18.64
C ILE A 10 -16.25 -8.43 -19.97
N THR A 11 -16.01 -7.34 -20.69
CA THR A 11 -15.14 -7.36 -21.86
C THR A 11 -13.82 -6.72 -21.47
N LEU A 12 -12.74 -7.50 -21.58
CA LEU A 12 -11.41 -6.99 -21.26
C LEU A 12 -10.97 -6.08 -22.39
N LEU A 13 -10.85 -4.78 -22.10
CA LEU A 13 -10.54 -3.76 -23.10
C LEU A 13 -9.04 -3.60 -23.31
N GLU A 14 -8.25 -3.61 -22.25
CA GLU A 14 -6.83 -3.33 -22.37
C GLU A 14 -6.10 -3.93 -21.16
N CYS A 15 -5.03 -4.67 -21.43
CA CYS A 15 -4.20 -5.24 -20.37
C CYS A 15 -3.12 -4.23 -19.97
N VAL A 16 -3.09 -3.86 -18.69
CA VAL A 16 -2.14 -2.88 -18.18
C VAL A 16 -0.95 -3.51 -17.47
N GLY A 17 -0.95 -4.82 -17.28
CA GLY A 17 0.16 -5.46 -16.60
C GLY A 17 0.06 -6.97 -16.51
N LYS A 18 1.20 -7.65 -16.63
CA LYS A 18 1.26 -9.09 -16.51
C LYS A 18 2.57 -9.47 -15.82
N GLY A 19 2.48 -10.34 -14.83
CA GLY A 19 3.65 -10.74 -14.08
C GLY A 19 3.44 -12.06 -13.39
N ARG A 20 4.33 -12.36 -12.44
CA ARG A 20 4.23 -13.61 -11.69
C ARG A 20 2.89 -13.72 -10.98
N TYR A 21 2.31 -12.58 -10.59
CA TYR A 21 1.09 -12.59 -9.78
C TYR A 21 -0.14 -12.87 -10.63
N GLY A 22 -0.17 -12.38 -11.86
CA GLY A 22 -1.32 -12.50 -12.73
C GLY A 22 -1.34 -11.35 -13.73
N GLU A 23 -2.54 -10.97 -14.14
CA GLU A 23 -2.74 -9.89 -15.09
C GLU A 23 -3.75 -8.89 -14.51
N VAL A 24 -3.58 -7.62 -14.90
CA VAL A 24 -4.55 -6.58 -14.58
C VAL A 24 -5.05 -5.98 -15.87
N TRP A 25 -6.36 -5.87 -16.00
CA TRP A 25 -7.00 -5.37 -17.20
C TRP A 25 -7.93 -4.21 -16.87
N ARG A 26 -7.99 -3.24 -17.77
CA ARG A 26 -9.13 -2.34 -17.81
C ARG A 26 -10.25 -3.03 -18.56
N GLY A 27 -11.42 -3.10 -17.92
CA GLY A 27 -12.57 -3.73 -18.51
C GLY A 27 -13.77 -2.81 -18.50
N SER A 28 -14.82 -3.25 -19.18
CA SER A 28 -16.11 -2.59 -19.14
C SER A 28 -17.12 -3.54 -18.53
N TRP A 29 -17.91 -3.03 -17.57
CA TRP A 29 -19.04 -3.75 -17.01
C TRP A 29 -20.23 -2.79 -17.02
N GLN A 30 -21.32 -3.21 -17.67
CA GLN A 30 -22.46 -2.34 -17.90
C GLN A 30 -22.02 -1.04 -18.57
N GLY A 31 -21.07 -1.16 -19.50
CA GLY A 31 -20.52 -0.02 -20.19
C GLY A 31 -19.67 0.90 -19.34
N GLU A 32 -19.26 0.47 -18.15
CA GLU A 32 -18.48 1.27 -17.23
C GLU A 32 -17.09 0.70 -17.07
N ASN A 33 -16.12 1.58 -16.82
CA ASN A 33 -14.74 1.15 -16.63
C ASN A 33 -14.60 0.42 -15.29
N VAL A 34 -13.97 -0.75 -15.33
CA VAL A 34 -13.61 -1.47 -14.13
C VAL A 34 -12.18 -1.97 -14.28
N ALA A 35 -11.56 -2.28 -13.15
CA ALA A 35 -10.26 -2.92 -13.12
C ALA A 35 -10.46 -4.39 -12.79
N VAL A 36 -9.82 -5.26 -13.57
CA VAL A 36 -9.94 -6.70 -13.39
C VAL A 36 -8.57 -7.27 -13.12
N LYS A 37 -8.44 -8.00 -12.01
CA LYS A 37 -7.24 -8.76 -11.73
C LYS A 37 -7.55 -10.23 -11.95
N ILE A 38 -6.85 -10.84 -12.90
CA ILE A 38 -6.90 -12.27 -13.12
C ILE A 38 -5.69 -12.86 -12.40
N PHE A 39 -5.93 -13.58 -11.32
CA PHE A 39 -4.84 -14.09 -10.50
C PHE A 39 -4.13 -15.23 -11.20
N SER A 40 -2.84 -15.39 -10.90
CA SER A 40 -2.15 -16.55 -11.39
C SER A 40 -2.49 -17.78 -10.54
N SER A 41 -2.23 -18.95 -11.11
CA SER A 41 -2.53 -20.21 -10.43
C SER A 41 -1.87 -20.27 -9.07
N ARG A 42 -0.66 -19.71 -8.94
CA ARG A 42 0.12 -19.81 -7.71
C ARG A 42 -0.37 -18.88 -6.61
N ASP A 43 -1.38 -18.06 -6.87
CA ASP A 43 -1.77 -16.99 -5.95
C ASP A 43 -3.25 -17.07 -5.56
N GLU A 44 -3.86 -18.24 -5.65
CA GLU A 44 -5.29 -18.34 -5.35
C GLU A 44 -5.59 -17.91 -3.90
N LYS A 45 -4.64 -18.09 -2.99
CA LYS A 45 -4.90 -17.73 -1.60
C LYS A 45 -4.96 -16.23 -1.40
N SER A 46 -4.30 -15.45 -2.27
CA SER A 46 -4.50 -14.01 -2.23
C SER A 46 -5.89 -13.64 -2.72
N TRP A 47 -6.35 -14.28 -3.80
CA TRP A 47 -7.71 -14.08 -4.25
C TRP A 47 -8.70 -14.40 -3.15
N PHE A 48 -8.48 -15.51 -2.45
CA PHE A 48 -9.39 -15.89 -1.36
C PHE A 48 -9.39 -14.84 -0.26
N ARG A 49 -8.21 -14.46 0.22
CA ARG A 49 -8.13 -13.53 1.35
C ARG A 49 -8.70 -12.17 0.98
N GLU A 50 -8.41 -11.68 -0.23
CA GLU A 50 -8.93 -10.37 -0.63
C GLU A 50 -10.44 -10.42 -0.79
N THR A 51 -10.95 -11.45 -1.46
CA THR A 51 -12.40 -11.65 -1.52
C THR A 51 -13.00 -11.72 -0.13
N GLU A 52 -12.34 -12.41 0.80
CA GLU A 52 -12.87 -12.54 2.16
C GLU A 52 -12.97 -11.19 2.85
N LEU A 53 -11.90 -10.39 2.74
CA LEU A 53 -11.92 -9.06 3.35
C LEU A 53 -13.09 -8.23 2.83
N TYR A 54 -13.22 -8.14 1.51
CA TYR A 54 -14.20 -7.22 0.93
C TYR A 54 -15.63 -7.70 1.13
N ASN A 55 -15.83 -9.02 1.29
CA ASN A 55 -17.19 -9.53 1.43
C ASN A 55 -17.66 -9.59 2.88
N THR A 56 -16.75 -9.57 3.84
N THR A 56 -16.75 -9.55 3.85
CA THR A 56 -17.09 -9.69 5.25
CA THR A 56 -17.12 -9.69 5.26
C THR A 56 -17.03 -8.37 6.01
C THR A 56 -16.89 -8.43 6.09
N VAL A 57 -16.22 -7.42 5.55
CA VAL A 57 -15.97 -6.17 6.25
C VAL A 57 -16.51 -5.01 5.43
N MET A 58 -17.14 -4.04 6.10
CA MET A 58 -17.57 -2.82 5.45
C MET A 58 -16.34 -1.92 5.26
N LEU A 59 -15.83 -1.88 4.03
CA LEU A 59 -14.57 -1.20 3.74
C LEU A 59 -14.73 0.05 2.91
N ARG A 60 -15.94 0.58 2.76
CA ARG A 60 -16.15 1.78 1.95
C ARG A 60 -15.37 2.95 2.54
N HIS A 61 -14.46 3.50 1.74
CA HIS A 61 -13.68 4.66 2.16
C HIS A 61 -13.06 5.30 0.92
N GLU A 62 -13.03 6.63 0.90
CA GLU A 62 -12.55 7.35 -0.27
C GLU A 62 -11.12 6.97 -0.63
N ASN A 63 -10.33 6.50 0.34
CA ASN A 63 -8.91 6.21 0.13
C ASN A 63 -8.59 4.72 0.22
N ILE A 64 -9.59 3.86 0.08
CA ILE A 64 -9.40 2.43 -0.05
C ILE A 64 -10.05 2.00 -1.35
N LEU A 65 -9.32 1.21 -2.15
CA LEU A 65 -9.81 0.80 -3.46
C LEU A 65 -11.19 0.15 -3.34
N GLY A 66 -12.14 0.66 -4.13
CA GLY A 66 -13.51 0.19 -4.08
C GLY A 66 -13.74 -1.15 -4.76
N PHE A 67 -14.22 -2.12 -3.99
CA PHE A 67 -14.46 -3.47 -4.48
C PHE A 67 -15.82 -3.55 -5.18
N ILE A 68 -15.87 -4.26 -6.30
CA ILE A 68 -17.11 -4.48 -7.02
C ILE A 68 -17.55 -5.94 -6.94
N ALA A 69 -16.67 -6.88 -7.28
CA ALA A 69 -17.09 -8.26 -7.26
C ALA A 69 -15.89 -9.19 -7.38
N SER A 70 -16.14 -10.45 -7.06
CA SER A 70 -15.17 -11.53 -7.13
C SER A 70 -15.83 -12.68 -7.87
N ASP A 71 -15.08 -13.42 -8.68
CA ASP A 71 -15.72 -14.50 -9.42
C ASP A 71 -14.70 -15.52 -9.89
N MET A 72 -15.21 -16.69 -10.23
CA MET A 72 -14.46 -17.74 -10.90
C MET A 72 -15.05 -17.92 -12.30
N THR A 73 -14.18 -18.01 -13.30
CA THR A 73 -14.64 -18.24 -14.66
C THR A 73 -13.68 -19.20 -15.35
N SER A 74 -14.01 -19.53 -16.59
CA SER A 74 -13.28 -20.52 -17.36
C SER A 74 -12.70 -19.85 -18.61
N ARG A 75 -11.41 -20.04 -18.83
CA ARG A 75 -10.76 -19.63 -20.06
C ARG A 75 -9.66 -20.62 -20.39
N HIS A 76 -9.52 -20.94 -21.68
CA HIS A 76 -8.53 -21.91 -22.13
C HIS A 76 -8.73 -23.25 -21.44
N SER A 77 -9.98 -23.59 -21.13
CA SER A 77 -10.32 -24.85 -20.47
C SER A 77 -9.71 -24.95 -19.07
N SER A 78 -9.52 -23.81 -18.41
CA SER A 78 -8.94 -23.78 -17.07
C SER A 78 -9.61 -22.69 -16.26
N THR A 79 -9.53 -22.83 -14.93
CA THR A 79 -10.19 -21.91 -14.01
C THR A 79 -9.38 -20.63 -13.87
N GLN A 80 -10.07 -19.49 -13.95
CA GLN A 80 -9.49 -18.20 -13.65
C GLN A 80 -10.24 -17.58 -12.49
N LEU A 81 -9.49 -16.99 -11.57
CA LEU A 81 -10.05 -16.28 -10.43
C LEU A 81 -9.94 -14.78 -10.69
N TRP A 82 -11.08 -14.09 -10.66
CA TRP A 82 -11.16 -12.67 -10.98
C TRP A 82 -11.54 -11.88 -9.74
N LEU A 83 -10.87 -10.74 -9.55
CA LEU A 83 -11.32 -9.71 -8.63
C LEU A 83 -11.51 -8.43 -9.42
N ILE A 84 -12.66 -7.78 -9.22
CA ILE A 84 -13.07 -6.63 -10.00
C ILE A 84 -13.26 -5.44 -9.07
N THR A 85 -12.66 -4.30 -9.41
CA THR A 85 -12.70 -3.10 -8.59
C THR A 85 -13.00 -1.89 -9.46
N HIS A 86 -13.23 -0.76 -8.80
N HIS A 86 -13.25 -0.75 -8.82
CA HIS A 86 -13.30 0.52 -9.51
CA HIS A 86 -13.31 0.50 -9.54
C HIS A 86 -12.00 0.74 -10.29
C HIS A 86 -12.02 0.69 -10.33
N TYR A 87 -12.11 1.50 -11.39
CA TYR A 87 -10.98 1.78 -12.26
C TYR A 87 -10.49 3.20 -12.03
N HIS A 88 -9.18 3.36 -11.91
CA HIS A 88 -8.55 4.66 -11.71
C HIS A 88 -7.62 4.93 -12.88
N GLU A 89 -8.03 5.88 -13.73
CA GLU A 89 -7.33 6.17 -14.97
C GLU A 89 -5.86 6.50 -14.75
N MET A 90 -5.52 7.11 -13.62
CA MET A 90 -4.16 7.58 -13.44
C MET A 90 -3.18 6.48 -13.06
N GLY A 91 -3.68 5.29 -12.71
CA GLY A 91 -2.79 4.17 -12.45
C GLY A 91 -2.11 4.26 -11.10
N SER A 92 -0.99 3.56 -10.99
CA SER A 92 -0.33 3.42 -9.71
C SER A 92 0.48 4.67 -9.37
N LEU A 93 0.62 4.91 -8.06
CA LEU A 93 1.49 5.99 -7.59
C LEU A 93 2.93 5.77 -8.08
N TYR A 94 3.37 4.51 -8.09
CA TYR A 94 4.71 4.20 -8.59
C TYR A 94 4.91 4.74 -10.01
N ASP A 95 3.97 4.44 -10.91
CA ASP A 95 4.08 4.92 -12.28
C ASP A 95 3.87 6.44 -12.37
N TYR A 96 2.95 6.96 -11.55
CA TYR A 96 2.65 8.39 -11.57
C TYR A 96 3.88 9.22 -11.22
N LEU A 97 4.61 8.82 -10.18
CA LEU A 97 5.76 9.58 -9.72
C LEU A 97 6.87 9.66 -10.76
N GLN A 98 6.91 8.72 -11.69
CA GLN A 98 7.93 8.75 -12.73
C GLN A 98 7.52 9.59 -13.93
N LEU A 99 6.25 9.99 -14.01
CA LEU A 99 5.75 10.76 -15.13
C LEU A 99 5.55 12.23 -14.82
N THR A 100 5.59 12.63 -13.56
CA THR A 100 5.36 14.03 -13.24
C THR A 100 6.04 14.40 -11.93
N THR A 101 6.26 15.71 -11.78
CA THR A 101 6.68 16.30 -10.52
C THR A 101 5.46 16.87 -9.81
N LEU A 102 5.63 17.25 -8.54
CA LEU A 102 4.53 17.67 -7.68
C LEU A 102 4.84 19.03 -7.07
N ASP A 103 3.80 19.86 -6.95
CA ASP A 103 3.91 21.07 -6.14
C ASP A 103 3.50 20.73 -4.70
N THR A 104 3.54 21.73 -3.83
CA THR A 104 3.33 21.46 -2.41
C THR A 104 1.93 20.91 -2.15
N VAL A 105 0.91 21.54 -2.73
CA VAL A 105 -0.46 21.09 -2.52
C VAL A 105 -0.65 19.67 -3.03
N SER A 106 -0.08 19.36 -4.20
CA SER A 106 -0.25 18.02 -4.78
C SER A 106 0.43 16.96 -3.93
N CYS A 107 1.65 17.25 -3.45
CA CYS A 107 2.37 16.29 -2.63
C CYS A 107 1.62 16.00 -1.33
N LEU A 108 1.24 17.06 -0.61
CA LEU A 108 0.55 16.87 0.66
C LEU A 108 -0.78 16.16 0.47
N ARG A 109 -1.51 16.51 -0.58
CA ARG A 109 -2.78 15.82 -0.84
C ARG A 109 -2.56 14.33 -1.01
N ILE A 110 -1.47 13.95 -1.68
CA ILE A 110 -1.19 12.53 -1.90
C ILE A 110 -0.90 11.82 -0.59
N VAL A 111 0.03 12.36 0.20
CA VAL A 111 0.49 11.63 1.38
C VAL A 111 -0.58 11.63 2.47
N LEU A 112 -1.29 12.75 2.64
CA LEU A 112 -2.38 12.78 3.61
C LEU A 112 -3.47 11.76 3.26
N SER A 113 -3.76 11.61 1.96
CA SER A 113 -4.81 10.66 1.57
C SER A 113 -4.40 9.23 1.88
N ILE A 114 -3.11 8.92 1.73
CA ILE A 114 -2.61 7.59 2.08
C ILE A 114 -2.70 7.38 3.59
N ALA A 115 -2.24 8.36 4.36
CA ALA A 115 -2.37 8.28 5.81
C ALA A 115 -3.82 8.09 6.24
N SER A 116 -4.75 8.78 5.58
CA SER A 116 -6.14 8.66 6.01
C SER A 116 -6.67 7.26 5.71
N GLY A 117 -6.35 6.72 4.52
CA GLY A 117 -6.72 5.35 4.21
C GLY A 117 -6.13 4.35 5.19
N LEU A 118 -4.84 4.52 5.53
CA LEU A 118 -4.19 3.59 6.43
C LEU A 118 -4.76 3.67 7.83
N ALA A 119 -5.01 4.88 8.33
CA ALA A 119 -5.59 5.02 9.65
C ALA A 119 -6.98 4.39 9.68
N HIS A 120 -7.75 4.54 8.61
CA HIS A 120 -9.07 3.89 8.56
C HIS A 120 -8.93 2.38 8.62
N LEU A 121 -7.94 1.82 7.93
CA LEU A 121 -7.71 0.38 8.02
C LEU A 121 -7.34 -0.02 9.45
N HIS A 122 -6.44 0.72 10.08
CA HIS A 122 -5.82 0.26 11.31
C HIS A 122 -6.75 0.29 12.51
N ILE A 123 -7.73 1.19 12.53
CA ILE A 123 -8.58 1.38 13.70
C ILE A 123 -9.79 0.44 13.61
N GLU A 124 -10.22 -0.06 14.76
CA GLU A 124 -11.50 -0.77 14.85
C GLU A 124 -12.62 0.23 15.11
N ILE A 125 -13.71 0.07 14.38
CA ILE A 125 -14.93 0.85 14.59
C ILE A 125 -16.03 -0.09 15.04
N PHE A 126 -16.84 0.37 15.99
CA PHE A 126 -17.93 -0.43 16.53
C PHE A 126 -19.26 0.15 16.05
N GLY A 127 -20.32 -0.61 16.27
CA GLY A 127 -21.65 -0.17 15.88
C GLY A 127 -21.94 -0.45 14.41
N THR A 128 -22.81 0.40 13.84
CA THR A 128 -23.34 0.13 12.50
C THR A 128 -22.29 0.30 11.42
N GLN A 129 -21.40 1.29 11.58
CA GLN A 129 -20.30 1.48 10.64
C GLN A 129 -19.05 0.70 11.05
N GLY A 130 -19.23 -0.42 11.74
CA GLY A 130 -18.10 -1.09 12.35
C GLY A 130 -17.24 -1.82 11.35
N LYS A 131 -15.99 -2.04 11.76
CA LYS A 131 -15.03 -2.86 11.04
C LYS A 131 -14.01 -3.34 12.05
N PRO A 132 -13.46 -4.54 11.87
CA PRO A 132 -12.29 -4.93 12.65
C PRO A 132 -11.12 -4.03 12.29
N ALA A 133 -10.11 -4.04 13.15
CA ALA A 133 -8.85 -3.42 12.78
C ALA A 133 -8.14 -4.30 11.76
N ILE A 134 -7.50 -3.68 10.78
CA ILE A 134 -6.88 -4.37 9.66
C ILE A 134 -5.47 -3.83 9.47
N ALA A 135 -4.50 -4.72 9.34
CA ALA A 135 -3.18 -4.34 8.86
C ALA A 135 -2.99 -4.87 7.44
N HIS A 136 -2.27 -4.11 6.63
CA HIS A 136 -2.17 -4.32 5.20
C HIS A 136 -1.11 -5.37 4.83
N ARG A 137 0.13 -5.16 5.27
CA ARG A 137 1.26 -6.08 5.19
C ARG A 137 1.97 -6.08 3.84
N ASP A 138 1.54 -5.31 2.86
CA ASP A 138 2.30 -5.16 1.61
C ASP A 138 2.12 -3.75 1.07
N LEU A 139 2.26 -2.76 1.94
CA LEU A 139 2.14 -1.37 1.53
C LEU A 139 3.37 -0.94 0.73
N LYS A 140 3.13 -0.29 -0.40
CA LYS A 140 4.19 0.17 -1.29
C LYS A 140 3.54 1.03 -2.36
N SER A 141 4.37 1.80 -3.09
CA SER A 141 3.77 2.72 -4.04
C SER A 141 3.13 2.00 -5.23
N LYS A 142 3.53 0.76 -5.51
CA LYS A 142 2.85 -0.01 -6.54
C LYS A 142 1.47 -0.47 -6.08
N ASN A 143 1.19 -0.49 -4.78
CA ASN A 143 -0.11 -0.88 -4.26
C ASN A 143 -0.95 0.33 -3.85
N ILE A 144 -0.69 1.48 -4.48
CA ILE A 144 -1.43 2.70 -4.25
C ILE A 144 -1.81 3.28 -5.61
N LEU A 145 -3.07 3.65 -5.76
CA LEU A 145 -3.56 4.20 -7.02
C LEU A 145 -3.85 5.69 -6.85
N VAL A 146 -3.73 6.42 -7.95
CA VAL A 146 -3.94 7.86 -7.98
C VAL A 146 -5.32 8.13 -8.56
N LYS A 147 -6.12 8.92 -7.86
CA LYS A 147 -7.45 9.28 -8.32
C LYS A 147 -7.41 10.62 -9.06
N LYS A 148 -8.49 10.92 -9.77
CA LYS A 148 -8.52 12.11 -10.60
C LYS A 148 -8.42 13.39 -9.77
N ASN A 149 -8.94 13.38 -8.54
CA ASN A 149 -8.89 14.56 -7.69
C ASN A 149 -7.55 14.74 -7.00
N GLY A 150 -6.56 13.90 -7.28
CA GLY A 150 -5.24 14.05 -6.72
C GLY A 150 -5.01 13.32 -5.41
N GLN A 151 -6.06 12.76 -4.80
CA GLN A 151 -5.84 11.86 -3.68
C GLN A 151 -5.51 10.47 -4.19
N CYS A 152 -5.12 9.59 -3.28
CA CYS A 152 -4.79 8.23 -3.61
C CYS A 152 -5.71 7.28 -2.86
N CYS A 153 -5.69 6.02 -3.26
N CYS A 153 -5.68 6.02 -3.27
CA CYS A 153 -6.38 4.96 -2.54
CA CYS A 153 -6.37 4.94 -2.58
C CYS A 153 -5.47 3.74 -2.42
C CYS A 153 -5.40 3.77 -2.39
N ILE A 154 -5.51 3.11 -1.26
CA ILE A 154 -4.70 1.94 -0.97
C ILE A 154 -5.38 0.71 -1.53
N ALA A 155 -4.59 -0.18 -2.12
CA ALA A 155 -5.12 -1.37 -2.78
C ALA A 155 -4.38 -2.62 -2.31
N ASP A 156 -5.02 -3.75 -2.58
CA ASP A 156 -4.51 -5.10 -2.33
C ASP A 156 -4.61 -5.50 -0.87
N LEU A 157 -5.70 -6.16 -0.52
CA LEU A 157 -5.92 -6.69 0.82
C LEU A 157 -5.64 -8.18 0.91
N GLY A 158 -4.89 -8.73 -0.05
CA GLY A 158 -4.63 -10.16 -0.14
C GLY A 158 -3.76 -10.72 0.96
N LEU A 159 -3.06 -9.86 1.71
CA LEU A 159 -2.25 -10.28 2.85
C LEU A 159 -2.76 -9.73 4.17
N ALA A 160 -3.98 -9.17 4.19
CA ALA A 160 -4.42 -8.40 5.33
C ALA A 160 -4.62 -9.29 6.56
N VAL A 161 -4.30 -8.74 7.72
CA VAL A 161 -4.57 -9.37 9.01
C VAL A 161 -5.64 -8.55 9.71
N MET A 162 -6.53 -9.23 10.44
CA MET A 162 -7.63 -8.59 11.11
C MET A 162 -7.56 -8.83 12.62
N HIS A 163 -8.10 -7.90 13.39
CA HIS A 163 -8.23 -8.04 14.84
C HIS A 163 -9.54 -7.42 15.30
N SER A 164 -10.20 -8.07 16.24
CA SER A 164 -11.46 -7.58 16.80
C SER A 164 -11.41 -7.64 18.32
N GLN A 165 -11.76 -6.53 18.96
CA GLN A 165 -11.61 -6.40 20.40
C GLN A 165 -12.64 -7.22 21.17
N SER A 166 -13.83 -7.41 20.60
CA SER A 166 -14.87 -8.15 21.31
C SER A 166 -14.39 -9.57 21.67
N THR A 167 -13.77 -10.24 20.71
CA THR A 167 -13.21 -11.57 20.92
C THR A 167 -11.73 -11.55 21.27
N ASN A 168 -11.06 -10.41 21.12
CA ASN A 168 -9.60 -10.36 21.16
C ASN A 168 -9.02 -11.36 20.16
N GLN A 169 -9.74 -11.57 19.06
CA GLN A 169 -9.34 -12.53 18.04
C GLN A 169 -8.44 -11.88 17.01
N LEU A 170 -7.28 -12.49 16.81
CA LEU A 170 -6.35 -12.10 15.75
C LEU A 170 -6.50 -13.10 14.61
N ASP A 171 -6.85 -12.59 13.43
CA ASP A 171 -7.07 -13.42 12.24
C ASP A 171 -5.96 -13.11 11.24
N VAL A 172 -4.90 -13.90 11.29
CA VAL A 172 -3.94 -13.89 10.21
C VAL A 172 -4.45 -14.82 9.11
N GLY A 173 -3.93 -14.63 7.91
CA GLY A 173 -4.37 -15.46 6.81
C GLY A 173 -3.88 -16.89 6.96
N ASN A 174 -4.10 -17.67 5.91
CA ASN A 174 -3.33 -18.88 5.64
C ASN A 174 -2.58 -18.70 4.33
N ASN A 175 -2.32 -17.46 3.97
CA ASN A 175 -1.64 -17.13 2.72
C ASN A 175 -0.13 -17.26 2.91
N PRO A 176 0.55 -18.11 2.13
CA PRO A 176 2.01 -18.21 2.25
C PRO A 176 2.76 -17.06 1.60
N ARG A 177 2.06 -16.15 0.95
CA ARG A 177 2.70 -14.97 0.38
C ARG A 177 3.26 -14.08 1.48
N VAL A 178 4.41 -13.47 1.20
CA VAL A 178 5.05 -12.54 2.12
C VAL A 178 5.10 -11.17 1.45
N GLY A 179 5.38 -10.15 2.26
CA GLY A 179 5.43 -8.80 1.74
C GLY A 179 6.58 -8.61 0.75
N THR A 180 6.49 -7.51 0.01
CA THR A 180 7.58 -7.09 -0.87
C THR A 180 8.84 -6.85 -0.06
N LYS A 181 9.93 -7.53 -0.44
CA LYS A 181 11.13 -7.53 0.39
C LYS A 181 11.70 -6.13 0.56
N ARG A 182 11.72 -5.33 -0.52
CA ARG A 182 12.30 -4.00 -0.44
C ARG A 182 11.67 -3.16 0.65
N TYR A 183 10.42 -3.43 0.99
CA TYR A 183 9.67 -2.62 1.95
C TYR A 183 9.54 -3.28 3.32
N MET A 184 10.20 -4.41 3.55
CA MET A 184 10.05 -5.13 4.80
C MET A 184 10.77 -4.41 5.94
N ALA A 185 10.06 -4.23 7.06
CA ALA A 185 10.67 -3.64 8.24
C ALA A 185 11.70 -4.60 8.83
N PRO A 186 12.63 -4.09 9.65
CA PRO A 186 13.69 -4.95 10.17
C PRO A 186 13.20 -6.14 10.98
N GLU A 187 12.11 -5.99 11.74
CA GLU A 187 11.64 -7.11 12.55
C GLU A 187 11.04 -8.22 11.69
N VAL A 188 10.64 -7.91 10.46
CA VAL A 188 10.22 -8.96 9.52
C VAL A 188 11.44 -9.67 8.95
N LEU A 189 12.46 -8.90 8.57
CA LEU A 189 13.64 -9.49 7.95
C LEU A 189 14.44 -10.34 8.93
N ASP A 190 14.52 -9.92 10.19
CA ASP A 190 15.23 -10.71 11.19
C ASP A 190 14.33 -11.75 11.85
N GLU A 191 13.05 -11.79 11.48
CA GLU A 191 12.12 -12.84 11.93
C GLU A 191 11.93 -12.83 13.45
N THR A 192 12.02 -11.65 14.07
CA THR A 192 11.69 -11.49 15.47
C THR A 192 10.33 -10.85 15.69
N ILE A 193 9.61 -10.53 14.62
CA ILE A 193 8.27 -9.96 14.76
C ILE A 193 7.42 -10.90 15.59
N GLN A 194 6.70 -10.34 16.56
CA GLN A 194 5.80 -11.12 17.40
C GLN A 194 4.49 -11.30 16.65
N VAL A 195 4.26 -12.51 16.13
CA VAL A 195 3.16 -12.73 15.18
C VAL A 195 1.79 -12.79 15.83
N ASP A 196 1.72 -12.91 17.15
CA ASP A 196 0.43 -13.02 17.82
C ASP A 196 -0.07 -11.70 18.40
N CYS A 197 0.64 -10.59 18.14
CA CYS A 197 0.23 -9.27 18.62
C CYS A 197 -0.10 -8.40 17.42
N PHE A 198 -1.37 -7.98 17.31
CA PHE A 198 -1.82 -7.25 16.13
C PHE A 198 -1.05 -5.95 15.92
N ASP A 199 -0.56 -5.32 17.00
CA ASP A 199 0.17 -4.08 16.85
C ASP A 199 1.43 -4.26 16.02
N SER A 200 2.07 -5.44 16.11
CA SER A 200 3.26 -5.70 15.32
C SER A 200 2.99 -5.46 13.83
N TYR A 201 1.82 -5.90 13.35
CA TYR A 201 1.53 -5.75 11.93
C TYR A 201 1.28 -4.29 11.57
N LYS A 202 0.63 -3.53 12.45
CA LYS A 202 0.46 -2.11 12.19
C LYS A 202 1.81 -1.41 12.09
N ARG A 203 2.76 -1.78 12.94
CA ARG A 203 4.06 -1.12 12.92
C ARG A 203 4.86 -1.48 11.68
N VAL A 204 4.61 -2.66 11.10
CA VAL A 204 5.20 -3.01 9.82
C VAL A 204 4.67 -2.11 8.72
N ASP A 205 3.34 -1.86 8.73
CA ASP A 205 2.75 -0.93 7.77
C ASP A 205 3.38 0.45 7.89
N ILE A 206 3.67 0.89 9.11
CA ILE A 206 4.21 2.24 9.30
C ILE A 206 5.60 2.35 8.70
N TRP A 207 6.43 1.33 8.91
CA TRP A 207 7.75 1.30 8.29
C TRP A 207 7.64 1.50 6.79
N ALA A 208 6.75 0.73 6.15
CA ALA A 208 6.59 0.83 4.71
C ALA A 208 6.01 2.19 4.31
N PHE A 209 5.08 2.73 5.10
CA PHE A 209 4.55 4.05 4.78
C PHE A 209 5.65 5.10 4.78
N GLY A 210 6.56 5.03 5.75
CA GLY A 210 7.68 5.98 5.77
C GLY A 210 8.47 5.95 4.48
N LEU A 211 8.70 4.74 3.94
CA LEU A 211 9.40 4.63 2.67
C LEU A 211 8.62 5.30 1.55
N VAL A 212 7.30 5.08 1.51
CA VAL A 212 6.47 5.72 0.49
C VAL A 212 6.52 7.23 0.62
N LEU A 213 6.44 7.75 1.86
CA LEU A 213 6.59 9.18 2.09
C LEU A 213 7.85 9.72 1.43
N TRP A 214 8.96 8.98 1.60
CA TRP A 214 10.22 9.38 1.00
C TRP A 214 10.14 9.38 -0.52
N GLU A 215 9.52 8.34 -1.09
CA GLU A 215 9.39 8.25 -2.54
C GLU A 215 8.66 9.46 -3.11
N VAL A 216 7.57 9.85 -2.45
CA VAL A 216 6.72 10.92 -2.98
C VAL A 216 7.39 12.28 -2.79
N ALA A 217 8.00 12.49 -1.62
CA ALA A 217 8.58 13.80 -1.32
C ALA A 217 9.75 14.12 -2.25
N ARG A 218 10.42 13.09 -2.78
CA ARG A 218 11.52 13.33 -3.71
C ARG A 218 11.02 14.02 -4.97
N ARG A 219 9.76 13.85 -5.32
CA ARG A 219 9.20 14.39 -6.55
C ARG A 219 8.50 15.73 -6.37
N MET A 220 8.55 16.30 -5.17
CA MET A 220 7.99 17.63 -4.93
C MET A 220 9.05 18.69 -5.24
N VAL A 221 8.68 19.66 -6.07
CA VAL A 221 9.61 20.69 -6.51
C VAL A 221 9.77 21.73 -5.40
N SER A 222 11.01 22.17 -5.20
CA SER A 222 11.33 23.28 -4.30
C SER A 222 12.57 23.96 -4.84
N ASN A 223 12.56 25.29 -4.83
CA ASN A 223 13.66 26.09 -5.38
C ASN A 223 13.93 25.70 -6.83
N GLY A 224 12.90 25.21 -7.53
CA GLY A 224 13.04 24.84 -8.92
C GLY A 224 13.79 23.56 -9.19
N ILE A 225 13.99 22.72 -8.18
CA ILE A 225 14.72 21.47 -8.34
C ILE A 225 13.91 20.33 -7.75
N VAL A 226 14.27 19.11 -8.16
CA VAL A 226 13.56 17.91 -7.74
C VAL A 226 14.55 16.75 -7.84
N GLU A 227 14.25 15.66 -7.15
CA GLU A 227 14.98 14.42 -7.33
C GLU A 227 14.31 13.57 -8.40
N ASP A 228 15.11 12.77 -9.10
CA ASP A 228 14.54 11.75 -9.96
C ASP A 228 13.80 10.73 -9.11
N TYR A 229 12.80 10.08 -9.71
CA TYR A 229 12.18 8.98 -8.99
C TYR A 229 13.20 7.88 -8.74
N LYS A 230 13.22 7.39 -7.51
CA LYS A 230 13.97 6.21 -7.14
C LYS A 230 13.16 5.40 -6.13
N PRO A 231 13.26 4.07 -6.16
CA PRO A 231 12.66 3.27 -5.11
C PRO A 231 13.52 3.31 -3.86
N PRO A 232 12.95 2.99 -2.70
CA PRO A 232 13.76 2.99 -1.47
C PRO A 232 14.92 2.00 -1.58
N PHE A 233 16.08 2.43 -1.10
CA PHE A 233 17.30 1.63 -1.08
C PHE A 233 17.84 1.35 -2.48
N TYR A 234 17.40 2.13 -3.46
CA TYR A 234 17.90 2.00 -4.83
C TYR A 234 19.42 1.95 -4.90
N ASP A 235 20.09 2.63 -3.97
CA ASP A 235 21.54 2.79 -4.04
C ASP A 235 22.31 1.68 -3.34
N VAL A 236 21.63 0.73 -2.68
CA VAL A 236 22.36 -0.25 -1.89
C VAL A 236 21.90 -1.68 -2.16
N VAL A 237 20.82 -1.85 -2.91
CA VAL A 237 20.35 -3.19 -3.26
C VAL A 237 19.98 -3.21 -4.74
N PRO A 238 20.05 -4.38 -5.36
CA PRO A 238 19.68 -4.50 -6.77
C PRO A 238 18.18 -4.68 -6.93
N ASN A 239 17.74 -4.59 -8.18
CA ASN A 239 16.36 -4.93 -8.51
C ASN A 239 16.06 -6.36 -8.06
N ASP A 240 14.81 -6.59 -7.65
CA ASP A 240 14.41 -7.85 -7.05
C ASP A 240 15.40 -8.25 -5.95
N PRO A 241 15.55 -7.43 -4.92
CA PRO A 241 16.53 -7.75 -3.88
C PRO A 241 16.15 -9.02 -3.14
N SER A 242 17.16 -9.69 -2.60
CA SER A 242 16.97 -10.93 -1.87
C SER A 242 16.69 -10.65 -0.40
N PHE A 243 16.32 -11.70 0.33
CA PHE A 243 16.19 -11.60 1.77
C PHE A 243 17.52 -11.20 2.40
N GLU A 244 18.61 -11.84 1.95
CA GLU A 244 19.93 -11.49 2.46
C GLU A 244 20.28 -10.04 2.12
N ASP A 245 20.01 -9.63 0.87
CA ASP A 245 20.27 -8.25 0.47
C ASP A 245 19.63 -7.27 1.44
N MET A 246 18.32 -7.41 1.66
CA MET A 246 17.59 -6.45 2.48
C MET A 246 18.01 -6.52 3.94
N ARG A 247 18.22 -7.74 4.45
CA ARG A 247 18.56 -7.89 5.86
C ARG A 247 19.89 -7.23 6.19
N LYS A 248 20.89 -7.40 5.32
CA LYS A 248 22.17 -6.75 5.55
C LYS A 248 22.02 -5.22 5.60
N VAL A 249 21.24 -4.66 4.68
CA VAL A 249 21.06 -3.21 4.65
C VAL A 249 20.28 -2.75 5.87
N VAL A 250 19.15 -3.39 6.14
CA VAL A 250 18.18 -2.87 7.10
C VAL A 250 18.47 -3.35 8.52
N CYS A 251 18.91 -4.59 8.69
CA CYS A 251 19.06 -5.15 10.02
C CYS A 251 20.46 -4.91 10.60
N VAL A 252 21.51 -5.20 9.83
CA VAL A 252 22.87 -5.11 10.33
C VAL A 252 23.37 -3.68 10.20
N ASP A 253 23.60 -3.22 8.97
CA ASP A 253 24.08 -1.86 8.75
C ASP A 253 23.05 -0.82 9.19
N GLN A 254 21.78 -1.23 9.32
CA GLN A 254 20.74 -0.35 9.85
C GLN A 254 20.64 0.94 9.03
N GLN A 255 20.68 0.80 7.71
CA GLN A 255 20.62 1.96 6.82
C GLN A 255 19.18 2.39 6.59
N ARG A 256 19.02 3.70 6.39
CA ARG A 256 17.75 4.34 6.06
C ARG A 256 17.94 5.20 4.82
N PRO A 257 16.87 5.43 4.07
CA PRO A 257 16.99 6.30 2.88
C PRO A 257 17.54 7.67 3.27
N ASN A 258 18.40 8.21 2.42
CA ASN A 258 19.04 9.49 2.69
C ASN A 258 18.07 10.65 2.44
N ILE A 259 18.16 11.68 3.27
CA ILE A 259 17.42 12.92 3.08
C ILE A 259 18.24 13.83 2.16
N PRO A 260 17.69 14.27 1.03
CA PRO A 260 18.44 15.21 0.18
C PRO A 260 18.57 16.56 0.86
N ASN A 261 19.75 17.16 0.72
CA ASN A 261 20.02 18.40 1.43
C ASN A 261 19.02 19.50 1.05
N ARG A 262 18.56 19.52 -0.20
CA ARG A 262 17.69 20.61 -0.65
C ARG A 262 16.34 20.62 0.06
N TRP A 263 15.95 19.51 0.71
CA TRP A 263 14.69 19.53 1.44
C TRP A 263 14.71 20.56 2.57
N PHE A 264 15.89 20.88 3.09
CA PHE A 264 16.01 21.78 4.22
C PHE A 264 15.96 23.25 3.83
N SER A 265 15.76 23.56 2.55
CA SER A 265 15.41 24.91 2.13
C SER A 265 13.96 24.99 1.69
N ASP A 266 13.12 24.08 2.20
CA ASP A 266 11.68 24.15 2.00
C ASP A 266 10.99 23.74 3.30
N PRO A 267 10.12 24.59 3.83
CA PRO A 267 9.45 24.23 5.10
C PRO A 267 8.68 22.93 5.03
N THR A 268 8.03 22.64 3.91
CA THR A 268 7.19 21.45 3.82
C THR A 268 8.05 20.18 3.81
N LEU A 269 9.08 20.15 2.97
CA LEU A 269 9.94 18.97 2.95
C LEU A 269 10.76 18.84 4.23
N THR A 270 10.98 19.94 4.94
CA THR A 270 11.58 19.85 6.28
C THR A 270 10.71 19.05 7.22
N SER A 271 9.41 19.35 7.28
CA SER A 271 8.53 18.62 8.18
C SER A 271 8.33 17.18 7.72
N LEU A 272 8.28 16.94 6.41
CA LEU A 272 8.09 15.58 5.91
C LEU A 272 9.30 14.70 6.26
N ALA A 273 10.51 15.26 6.17
CA ALA A 273 11.69 14.51 6.56
C ALA A 273 11.62 14.09 8.03
N LYS A 274 11.21 15.01 8.90
CA LYS A 274 11.03 14.67 10.31
C LYS A 274 10.01 13.54 10.47
N LEU A 275 8.88 13.67 9.78
CA LEU A 275 7.81 12.68 9.88
C LEU A 275 8.28 11.30 9.45
N MET A 276 8.91 11.20 8.27
CA MET A 276 9.27 9.88 7.76
C MET A 276 10.30 9.20 8.65
N LYS A 277 11.20 9.97 9.26
CA LYS A 277 12.17 9.38 10.19
C LYS A 277 11.47 8.78 11.41
N GLU A 278 10.34 9.35 11.82
CA GLU A 278 9.61 8.80 12.96
C GLU A 278 8.86 7.53 12.61
N CYS A 279 8.85 7.12 11.34
CA CYS A 279 8.31 5.83 10.93
C CYS A 279 9.37 4.75 10.80
N TRP A 280 10.65 5.12 10.87
CA TRP A 280 11.76 4.23 10.53
C TRP A 280 12.56 3.78 11.73
N TYR A 281 12.11 4.06 12.95
CA TYR A 281 12.85 3.61 14.12
C TYR A 281 13.06 2.11 14.05
N GLN A 282 14.28 1.68 14.41
CA GLN A 282 14.55 0.24 14.46
C GLN A 282 13.67 -0.44 15.51
N ASN A 283 13.40 0.25 16.62
CA ASN A 283 12.48 -0.23 17.65
C ASN A 283 11.05 -0.03 17.15
N PRO A 284 10.28 -1.09 16.90
CA PRO A 284 8.94 -0.90 16.32
C PRO A 284 7.98 -0.11 17.20
N SER A 285 8.09 -0.24 18.53
CA SER A 285 7.17 0.47 19.41
C SER A 285 7.38 1.97 19.39
N ALA A 286 8.51 2.45 18.87
CA ALA A 286 8.78 3.88 18.82
C ALA A 286 8.16 4.56 17.61
N ARG A 287 7.74 3.79 16.60
CA ARG A 287 7.20 4.40 15.39
C ARG A 287 5.87 5.07 15.67
N LEU A 288 5.62 6.16 14.95
CA LEU A 288 4.33 6.82 14.99
C LEU A 288 3.22 5.86 14.55
N THR A 289 2.01 6.14 15.02
CA THR A 289 0.83 5.43 14.54
C THR A 289 0.28 6.15 13.31
N ALA A 290 -0.56 5.43 12.56
CA ALA A 290 -1.15 6.01 11.36
C ALA A 290 -2.03 7.21 11.71
N LEU A 291 -2.72 7.15 12.84
CA LEU A 291 -3.52 8.29 13.27
C LEU A 291 -2.64 9.49 13.59
N ARG A 292 -1.51 9.27 14.28
CA ARG A 292 -0.61 10.36 14.56
C ARG A 292 -0.03 10.95 13.28
N ILE A 293 0.30 10.09 12.32
CA ILE A 293 0.82 10.56 11.03
C ILE A 293 -0.24 11.40 10.32
N LYS A 294 -1.47 10.91 10.29
CA LYS A 294 -2.56 11.66 9.67
C LYS A 294 -2.72 13.03 10.32
N LYS A 295 -2.76 13.06 11.66
CA LYS A 295 -2.89 14.34 12.36
C LYS A 295 -1.77 15.31 11.96
N THR A 296 -0.52 14.83 11.96
CA THR A 296 0.61 15.68 11.60
C THR A 296 0.49 16.19 10.18
N LEU A 297 0.21 15.28 9.23
CA LEU A 297 0.12 15.69 7.84
C LEU A 297 -1.03 16.67 7.61
N THR A 298 -2.05 16.65 8.48
CA THR A 298 -3.09 17.67 8.43
C THR A 298 -2.56 19.03 8.87
N LYS A 299 -1.51 19.03 9.69
CA LYS A 299 -0.94 20.29 10.19
C LYS A 299 0.12 20.89 9.28
N ILE A 300 0.77 20.08 8.43
CA ILE A 300 1.78 20.62 7.52
C ILE A 300 1.13 21.58 6.54
N ASP A 301 1.72 22.76 6.40
CA ASP A 301 1.15 23.84 5.60
C ASP A 301 -0.16 24.32 6.22
C1 DIO B . -8.15 -22.47 0.19
C2 DIO B . -7.08 -21.29 -1.51
C1' DIO B . -9.44 -22.48 -0.64
C2' DIO B . -8.36 -21.32 -2.34
O1 DIO B . -7.34 -21.37 -0.13
O1' DIO B . -9.16 -22.42 -2.01
H11 DIO B . -8.39 -22.41 1.13
H12 DIO B . -7.67 -23.28 0.03
H21 DIO B . -6.62 -20.46 -1.68
H22 DIO B . -6.51 -22.04 -1.76
H1'1 DIO B . -9.93 -23.30 -0.45
H1'2 DIO B . -9.99 -21.72 -0.39
H2'1 DIO B . -8.86 -20.51 -2.18
H2'2 DIO B . -8.12 -21.37 -3.28
C1 DIO C . -10.12 12.15 6.44
C2 DIO C . -11.96 12.39 5.08
C1' DIO C . -10.72 10.97 7.19
C2' DIO C . -12.05 10.87 5.26
O1 DIO C . -11.13 13.01 6.01
O1' DIO C . -11.85 10.42 6.56
H11 DIO C . -9.52 12.64 7.03
H12 DIO C . -9.63 11.82 5.68
H21 DIO C . -12.85 12.75 5.18
H22 DIO C . -11.63 12.57 4.19
H1'1 DIO C . -10.04 10.28 7.28
H1'2 DIO C . -10.99 11.27 8.09
H2'1 DIO C . -12.92 10.57 4.96
H2'2 DIO C . -11.37 10.46 4.69
C1 DIO D . -17.00 -16.17 -3.99
C2 DIO D . -18.32 -14.62 -5.13
C1' DIO D . -16.64 -16.62 -5.39
C2' DIO D . -18.79 -15.85 -5.89
O1 DIO D . -17.73 -14.97 -3.91
O1' DIO D . -17.71 -16.63 -6.30
H11 DIO D . -17.53 -16.87 -3.57
H12 DIO D . -16.18 -16.05 -3.48
H21 DIO D . -19.08 -14.05 -4.96
H22 DIO D . -17.68 -14.15 -5.66
H1'1 DIO D . -15.97 -16.01 -5.75
H1'2 DIO D . -16.27 -17.51 -5.35
H2'1 DIO D . -19.36 -16.38 -5.31
H2'2 DIO D . -19.29 -15.57 -6.67
C1 DIO E . -19.17 -5.15 18.44
C2 DIO E . -20.78 -3.95 17.22
C1' DIO E . -18.32 -5.33 17.19
C2' DIO E . -20.00 -4.35 15.97
O1 DIO E . -20.02 -4.04 18.40
O1' DIO E . -18.62 -4.37 16.23
H11 DIO E . -19.71 -5.94 18.57
H12 DIO E . -18.57 -5.05 19.21
H21 DIO E . -21.55 -4.53 17.31
H22 DIO E . -21.07 -3.04 17.11
H1'1 DIO E . -17.39 -5.25 17.44
H1'2 DIO E . -18.48 -6.21 16.83
H2'1 DIO E . -20.28 -5.24 15.70
H2'2 DIO E . -20.19 -3.72 15.26
N3 5U6 F . -7.37 1.18 -11.53
C4 5U6 F . -6.18 1.07 -12.03
C5 5U6 F . -5.66 -0.83 -10.60
C6 5U6 F . -5.26 0.03 -11.58
C7 5U6 F . -3.84 -0.11 -12.18
C10 5U6 F . -4.71 -1.92 -10.13
C13 5U6 F . -4.93 -3.83 -6.81
C17 5U6 F . -4.49 -2.92 -7.82
C20 5U6 F . -6.70 -4.61 -8.30
C21 5U6 F . -6.01 -4.67 -7.07
C24 5U6 F . -4.84 -7.04 -5.21
C26 5U6 F . -2.13 -2.81 -7.55
C18 5U6 F . -5.16 -2.89 -9.05
C1 5U6 F . -6.98 -0.68 -10.08
N8 5U6 F . -2.95 -1.14 -11.71
C2 5U6 F . -7.80 0.36 -10.58
C16 5U6 F . -6.04 -7.69 -7.25
O25 5U6 F . -3.35 -2.06 -7.58
C9 5U6 F . -3.35 -2.05 -10.72
C12 5U6 F . -1.59 -1.34 -12.22
C19 5U6 F . -6.26 -3.72 -9.29
C14 5U6 F . -6.49 -5.60 -5.97
O22 5U6 F . -7.80 -5.47 -8.52
N15 5U6 F . -6.03 -6.96 -5.97
O11 5U6 F . -3.47 0.68 -13.06
C23 5U6 F . -8.34 -5.08 -9.74
H1 5U6 F . -5.90 1.68 -12.71
H2 5U6 F . -4.47 -3.86 -5.94
H3 5U6 F . -4.97 -6.59 -4.36
H4 5U6 F . -4.12 -6.62 -5.68
H5 5U6 F . -4.62 -7.97 -5.04
H6 5U6 F . -1.38 -2.24 -7.86
H7 5U6 F . -2.20 -3.60 -8.13
H8 5U6 F . -1.95 -3.10 -6.62
H9 5U6 F . -7.29 -1.27 -9.40
H10 5U6 F . -8.70 0.48 -10.22
H11 5U6 F . -5.84 -8.63 -7.10
H12 5U6 F . -6.92 -7.60 -7.67
H13 5U6 F . -5.36 -7.30 -7.85
H14 5U6 F . -2.74 -2.75 -10.41
H15 5U6 F . -1.17 -2.08 -11.75
H16 5U6 F . -1.62 -1.53 -13.18
H17 5U6 F . -1.07 -0.52 -12.08
H18 5U6 F . -6.71 -3.70 -10.14
H19 5U6 F . -6.22 -5.21 -5.11
H20 5U6 F . -7.47 -5.62 -6.01
H22 5U6 F . -7.72 -5.26 -10.43
H23 5U6 F . -9.14 -5.59 -9.91
H24 5U6 F . -8.56 -4.16 -9.73
S SO4 G . -11.19 8.40 -10.41
O1 SO4 G . -9.76 8.10 -10.33
O2 SO4 G . -11.41 9.79 -10.02
O3 SO4 G . -11.66 8.19 -11.77
O4 SO4 G . -11.92 7.52 -9.49
S SO4 H . 11.76 -4.85 -6.61
O1 SO4 H . 13.04 -4.45 -7.18
O2 SO4 H . 10.67 -4.33 -7.44
O3 SO4 H . 11.68 -6.31 -6.59
O4 SO4 H . 11.63 -4.34 -5.25
C1 EDO I . 4.22 26.17 -4.87
O1 EDO I . 3.02 25.73 -5.51
C2 EDO I . 4.78 25.07 -3.99
O2 EDO I . 5.83 25.59 -3.18
H11 EDO I . 4.95 26.45 -5.63
H12 EDO I . 4.01 27.06 -4.26
HO1 EDO I . 2.65 26.44 -6.05
H21 EDO I . 3.99 24.65 -3.37
H22 EDO I . 5.17 24.26 -4.63
HO2 EDO I . 6.17 24.89 -2.60
C1 EDO J . -4.10 2.64 15.79
O1 EDO J . -2.74 2.48 16.23
C2 EDO J . -4.26 4.01 15.13
O2 EDO J . -3.23 4.20 14.16
H11 EDO J . -4.78 2.55 16.64
H12 EDO J . -4.34 1.85 15.07
HO1 EDO J . -2.68 1.73 16.84
H21 EDO J . -5.23 4.08 14.66
H22 EDO J . -4.20 4.79 15.90
HO2 EDO J . -3.35 5.07 13.73
C1 EDO K . 20.07 3.67 1.82
O1 EDO K . 19.38 4.01 0.62
C2 EDO K . 20.81 4.89 2.35
O2 EDO K . 21.94 5.18 1.53
H11 EDO K . 20.78 2.86 1.63
H12 EDO K . 19.36 3.32 2.57
HO1 EDO K . 18.93 3.23 0.27
H21 EDO K . 21.14 4.71 3.38
H22 EDO K . 20.14 5.76 2.37
HO2 EDO K . 22.40 5.96 1.86
#